data_5GU4
#
_entry.id   5GU4
#
_cell.length_a   67.450
_cell.length_b   59.880
_cell.length_c   67.495
_cell.angle_alpha   90.000
_cell.angle_beta   99.890
_cell.angle_gamma   90.000
#
_symmetry.space_group_name_H-M   'P 1 21 1'
#
loop_
_entity.id
_entity.type
_entity.pdbx_description
1 polymer Ricin
2 polymer GLY-PHE-GLY-LEU-PHE-ASP
3 non-polymer GLYCEROL
4 water water
#
loop_
_entity_poly.entity_id
_entity_poly.type
_entity_poly.pdbx_seq_one_letter_code
_entity_poly.pdbx_strand_id
1 'polypeptide(L)'
;MGSSHHHHHHSSGLVPRGSHMASMTGGQQMGRGSIFPKQYPIINFTTAGATVQSYTNFIRAVRGRLTTGADVRHEIPVLP
NRVGLPINQRFILVELSNHAELSVTLALDVTNAYVVGYRAGNSAYFFHPDNQEDAEAITHLFTDVQNRYTFAFGGNYDRL
EQLAGNLRENIELGNGPLEEAISALYYYSTGGTQLPTLARSFIICIQMISEAARFQYIEGEMRTRIRYNRRSAPDPSVIT
LENSWGRLSTAIQESNQGAFASPIQLQRRNGSKFSVYDVSILIPIIALMVYRCAPPPSSQF
;
A,B
2 'polypeptide(L)' DDMGFGLFD C,D
#
# COMPACT_ATOMS: atom_id res chain seq x y z
N TYR A 40 -23.33 9.90 -10.91
CA TYR A 40 -22.30 10.51 -10.08
C TYR A 40 -22.19 11.98 -10.39
N PRO A 41 -21.80 12.81 -9.42
CA PRO A 41 -21.69 14.22 -9.75
C PRO A 41 -20.57 14.51 -10.78
N ILE A 42 -20.77 15.50 -11.64
CA ILE A 42 -19.79 15.83 -12.68
C ILE A 42 -19.33 17.21 -12.40
N ILE A 43 -18.04 17.46 -12.37
CA ILE A 43 -17.50 18.80 -12.12
C ILE A 43 -16.69 19.14 -13.42
N ASN A 44 -16.91 20.30 -14.04
CA ASN A 44 -16.24 20.61 -15.35
C ASN A 44 -15.13 21.64 -15.18
N PHE A 45 -14.07 21.45 -15.98
CA PHE A 45 -13.00 22.48 -16.12
C PHE A 45 -12.57 22.48 -17.55
N THR A 46 -12.30 23.67 -18.05
CA THR A 46 -11.65 23.74 -19.35
C THR A 46 -10.36 24.53 -19.28
N THR A 47 -9.35 24.06 -19.99
CA THR A 47 -8.13 24.84 -20.12
C THR A 47 -8.34 26.07 -21.01
N ALA A 48 -9.35 26.03 -21.86
CA ALA A 48 -9.53 27.15 -22.83
C ALA A 48 -9.97 28.45 -22.08
N GLY A 49 -9.08 29.44 -22.05
CA GLY A 49 -9.38 30.72 -21.36
C GLY A 49 -9.31 30.54 -19.84
N ALA A 50 -8.62 29.49 -19.37
CA ALA A 50 -8.46 29.30 -17.91
C ALA A 50 -7.80 30.46 -17.23
N THR A 51 -8.29 30.84 -16.01
CA THR A 51 -7.64 31.83 -15.26
C THR A 51 -7.33 31.30 -13.87
N VAL A 52 -6.62 32.05 -13.04
CA VAL A 52 -6.40 31.74 -11.66
C VAL A 52 -7.77 31.51 -10.99
N GLN A 53 -8.76 32.38 -11.25
CA GLN A 53 -10.06 32.23 -10.57
C GLN A 53 -10.77 30.96 -11.04
N SER A 54 -10.71 30.64 -12.32
CA SER A 54 -11.49 29.50 -12.77
C SER A 54 -10.85 28.19 -12.29
N TYR A 55 -9.53 28.16 -12.20
CA TYR A 55 -8.87 26.96 -11.60
C TYR A 55 -9.17 26.85 -10.14
N THR A 56 -9.00 27.95 -9.44
CA THR A 56 -9.30 28.00 -8.01
C THR A 56 -10.75 27.53 -7.78
N ASN A 57 -11.71 28.05 -8.53
CA ASN A 57 -13.05 27.59 -8.29
C ASN A 57 -13.29 26.16 -8.61
N PHE A 58 -12.62 25.62 -9.63
CA PHE A 58 -12.69 24.24 -9.96
C PHE A 58 -12.20 23.40 -8.82
N ILE A 59 -11.02 23.68 -8.30
CA ILE A 59 -10.46 22.85 -7.20
C ILE A 59 -11.35 22.91 -6.00
N ARG A 60 -11.90 24.11 -5.72
CA ARG A 60 -12.82 24.21 -4.57
C ARG A 60 -14.05 23.39 -4.83
N ALA A 61 -14.58 23.32 -6.05
CA ALA A 61 -15.77 22.46 -6.34
C ALA A 61 -15.44 21.01 -6.17
N VAL A 62 -14.28 20.57 -6.64
CA VAL A 62 -13.89 19.16 -6.45
C VAL A 62 -13.85 18.84 -4.96
N ARG A 63 -13.14 19.64 -4.16
CA ARG A 63 -13.09 19.38 -2.74
C ARG A 63 -14.46 19.33 -2.14
N GLY A 64 -15.31 20.27 -2.50
CA GLY A 64 -16.68 20.36 -1.94
C GLY A 64 -17.53 19.19 -2.32
N ARG A 65 -17.27 18.54 -3.44
CA ARG A 65 -18.01 17.33 -3.81
C ARG A 65 -17.41 15.99 -3.30
N LEU A 66 -16.14 16.05 -2.93
CA LEU A 66 -15.47 14.87 -2.41
C LEU A 66 -15.88 14.65 -1.00
N THR A 67 -16.12 15.71 -0.22
CA THR A 67 -16.36 15.58 1.25
C THR A 67 -17.77 16.04 1.61
N THR A 68 -18.30 15.57 2.72
CA THR A 68 -19.59 16.05 3.22
C THR A 68 -19.40 17.35 4.05
N GLY A 69 -18.17 17.62 4.50
CA GLY A 69 -17.97 18.74 5.40
C GLY A 69 -18.44 18.51 6.85
N ALA A 70 -19.06 17.36 7.12
CA ALA A 70 -19.49 17.02 8.50
C ALA A 70 -18.31 16.55 9.31
N ASP A 71 -17.28 15.99 8.64
CA ASP A 71 -16.18 15.35 9.38
C ASP A 71 -14.87 16.17 9.17
N VAL A 72 -14.50 16.95 10.18
CA VAL A 72 -13.41 17.86 10.05
C VAL A 72 -12.61 17.74 11.31
N ARG A 73 -11.31 17.51 11.17
CA ARG A 73 -10.45 17.31 12.33
C ARG A 73 -9.28 18.25 12.22
N HIS A 74 -9.07 19.04 13.25
CA HIS A 74 -8.05 20.09 13.18
C HIS A 74 -8.24 21.00 12.05
N GLU A 75 -9.50 21.36 11.78
CA GLU A 75 -9.83 22.26 10.71
C GLU A 75 -9.54 21.66 9.34
N ILE A 76 -9.22 20.37 9.32
CA ILE A 76 -8.93 19.66 8.06
C ILE A 76 -10.02 18.60 7.77
N PRO A 77 -10.71 18.81 6.65
CA PRO A 77 -11.74 17.85 6.25
C PRO A 77 -11.26 16.46 5.92
N VAL A 78 -12.07 15.49 6.34
CA VAL A 78 -11.78 14.06 6.14
C VAL A 78 -12.72 13.50 5.04
N LEU A 79 -12.15 12.69 4.17
CA LEU A 79 -12.91 12.11 3.13
C LEU A 79 -13.78 10.95 3.68
N PRO A 80 -14.76 10.51 2.91
CA PRO A 80 -15.65 9.46 3.39
C PRO A 80 -14.93 8.13 3.64
N ASN A 81 -15.40 7.39 4.65
CA ASN A 81 -14.79 6.11 5.00
C ASN A 81 -15.17 5.04 3.94
N ARG A 82 -14.20 4.35 3.40
CA ARG A 82 -14.46 3.30 2.38
C ARG A 82 -15.36 2.21 2.96
N VAL A 83 -15.18 1.90 4.24
CA VAL A 83 -15.92 0.76 4.82
C VAL A 83 -17.37 1.16 4.99
N GLY A 84 -18.23 0.47 4.27
CA GLY A 84 -19.62 0.75 4.31
C GLY A 84 -20.10 1.81 3.37
N LEU A 85 -19.23 2.33 2.48
CA LEU A 85 -19.64 3.45 1.63
C LEU A 85 -20.49 2.91 0.47
N PRO A 86 -21.75 3.41 0.33
CA PRO A 86 -22.60 2.89 -0.72
C PRO A 86 -22.02 3.24 -2.06
N ILE A 87 -22.17 2.30 -2.97
CA ILE A 87 -21.52 2.42 -4.33
C ILE A 87 -21.96 3.68 -5.05
N ASN A 88 -23.13 4.15 -4.76
CA ASN A 88 -23.61 5.27 -5.51
C ASN A 88 -23.05 6.60 -4.98
N GLN A 89 -22.31 6.54 -3.87
CA GLN A 89 -21.57 7.65 -3.31
C GLN A 89 -20.03 7.45 -3.52
N ARG A 90 -19.57 6.50 -4.31
CA ARG A 90 -18.15 6.17 -4.29
C ARG A 90 -17.27 7.06 -5.15
N PHE A 91 -17.87 7.65 -6.19
CA PHE A 91 -17.08 8.31 -7.25
C PHE A 91 -17.59 9.68 -7.59
N ILE A 92 -16.67 10.52 -8.03
CA ILE A 92 -17.11 11.82 -8.67
C ILE A 92 -16.43 11.84 -10.05
N LEU A 93 -17.02 12.58 -10.98
CA LEU A 93 -16.45 12.62 -12.32
C LEU A 93 -16.02 14.06 -12.58
N VAL A 94 -14.87 14.18 -13.25
CA VAL A 94 -14.29 15.49 -13.58
C VAL A 94 -14.19 15.51 -15.14
N GLU A 95 -15.00 16.34 -15.77
CA GLU A 95 -15.04 16.48 -17.20
C GLU A 95 -14.09 17.62 -17.62
N LEU A 96 -13.01 17.22 -18.30
CA LEU A 96 -12.02 18.20 -18.76
C LEU A 96 -12.13 18.46 -20.25
N SER A 97 -12.04 19.74 -20.61
CA SER A 97 -12.11 20.14 -22.04
C SER A 97 -10.90 20.99 -22.29
N ASN A 98 -10.58 21.22 -23.58
CA ASN A 98 -9.39 22.04 -23.86
C ASN A 98 -9.59 22.92 -25.11
N HIS A 99 -8.59 23.75 -25.38
CA HIS A 99 -8.63 24.58 -26.61
C HIS A 99 -8.82 23.77 -27.88
N ALA A 100 -8.30 22.55 -27.91
CA ALA A 100 -8.47 21.68 -29.08
C ALA A 100 -9.89 21.20 -29.25
N GLU A 101 -10.78 21.53 -28.30
CA GLU A 101 -12.23 21.21 -28.34
C GLU A 101 -12.43 19.68 -28.15
N LEU A 102 -11.50 19.05 -27.40
CA LEU A 102 -11.61 17.64 -27.03
C LEU A 102 -11.95 17.58 -25.54
N SER A 103 -12.58 16.50 -25.15
CA SER A 103 -13.00 16.32 -23.77
C SER A 103 -12.72 14.89 -23.34
N VAL A 104 -12.31 14.75 -22.06
CA VAL A 104 -12.20 13.43 -21.43
C VAL A 104 -12.85 13.58 -20.06
N THR A 105 -13.35 12.49 -19.49
CA THR A 105 -13.93 12.56 -18.14
C THR A 105 -13.15 11.60 -17.25
N LEU A 106 -12.51 12.15 -16.21
CA LEU A 106 -11.81 11.32 -15.20
C LEU A 106 -12.77 10.89 -14.14
N ALA A 107 -12.58 9.70 -13.63
CA ALA A 107 -13.27 9.27 -12.41
C ALA A 107 -12.34 9.25 -11.17
N LEU A 108 -12.80 9.90 -10.11
CA LEU A 108 -12.02 9.96 -8.89
C LEU A 108 -12.73 9.20 -7.81
N ASP A 109 -11.98 8.44 -7.03
CA ASP A 109 -12.54 7.72 -5.87
C ASP A 109 -12.67 8.77 -4.75
N VAL A 110 -13.87 8.90 -4.17
CA VAL A 110 -14.10 9.88 -3.09
C VAL A 110 -13.33 9.48 -1.82
N THR A 111 -12.89 8.22 -1.75
CA THR A 111 -12.19 7.79 -0.51
C THR A 111 -10.74 8.27 -0.45
N ASN A 112 -10.15 8.59 -1.59
CA ASN A 112 -8.76 9.04 -1.57
C ASN A 112 -8.50 10.15 -2.53
N ALA A 113 -9.54 10.67 -3.18
CA ALA A 113 -9.45 11.71 -4.21
C ALA A 113 -8.65 11.37 -5.44
N TYR A 114 -8.36 10.11 -5.66
CA TYR A 114 -7.37 9.74 -6.69
C TYR A 114 -8.08 9.26 -7.98
N VAL A 115 -7.43 9.39 -9.13
CA VAL A 115 -8.02 8.98 -10.43
C VAL A 115 -7.96 7.47 -10.54
N VAL A 116 -9.12 6.85 -10.85
CA VAL A 116 -9.20 5.38 -11.10
C VAL A 116 -9.40 5.01 -12.55
N GLY A 117 -9.71 5.97 -13.33
CA GLY A 117 -9.95 5.68 -14.80
C GLY A 117 -10.48 6.89 -15.49
N TYR A 118 -10.76 6.71 -16.80
CA TYR A 118 -11.33 7.81 -17.54
C TYR A 118 -12.10 7.33 -18.74
N ARG A 119 -12.93 8.23 -19.23
CA ARG A 119 -13.68 7.99 -20.49
C ARG A 119 -13.25 8.98 -21.56
N ALA A 120 -13.11 8.48 -22.79
CA ALA A 120 -12.93 9.34 -23.95
C ALA A 120 -13.88 8.77 -24.99
N GLY A 121 -14.92 9.51 -25.24
CA GLY A 121 -15.89 9.18 -26.33
C GLY A 121 -16.54 7.91 -25.89
N ASN A 122 -16.41 6.86 -26.74
CA ASN A 122 -17.02 5.58 -26.45
C ASN A 122 -16.09 4.54 -25.92
N SER A 123 -15.05 4.99 -25.22
CA SER A 123 -14.12 4.06 -24.63
C SER A 123 -13.86 4.46 -23.21
N ALA A 124 -13.74 3.49 -22.34
CA ALA A 124 -13.31 3.85 -20.93
C ALA A 124 -12.12 2.95 -20.57
N TYR A 125 -11.23 3.50 -19.73
CA TYR A 125 -9.94 2.91 -19.38
C TYR A 125 -9.71 3.02 -17.87
N PHE A 126 -9.35 1.92 -17.25
CA PHE A 126 -9.24 1.87 -15.76
C PHE A 126 -7.86 1.38 -15.39
N PHE A 127 -7.21 2.01 -14.39
CA PHE A 127 -6.04 1.39 -13.82
C PHE A 127 -6.36 0.06 -13.23
N HIS A 128 -5.31 -0.79 -13.22
CA HIS A 128 -5.51 -2.11 -12.59
C HIS A 128 -5.84 -2.06 -11.12
N PRO A 129 -7.05 -2.55 -10.81
CA PRO A 129 -7.45 -2.50 -9.41
C PRO A 129 -6.52 -3.32 -8.48
N ASP A 130 -6.36 -2.84 -7.27
CA ASP A 130 -5.59 -3.45 -6.21
C ASP A 130 -6.24 -4.71 -5.65
N ASN A 131 -7.59 -4.87 -5.71
CA ASN A 131 -8.34 -5.98 -5.15
C ASN A 131 -9.75 -6.15 -5.79
N GLN A 132 -10.40 -7.25 -5.45
CA GLN A 132 -11.68 -7.65 -6.03
C GLN A 132 -12.75 -6.59 -5.79
N GLU A 133 -12.74 -5.98 -4.62
CA GLU A 133 -13.81 -5.09 -4.26
C GLU A 133 -13.66 -3.82 -5.14
N ASP A 134 -12.44 -3.36 -5.29
CA ASP A 134 -12.22 -2.16 -6.17
C ASP A 134 -12.48 -2.50 -7.62
N ALA A 135 -12.14 -3.73 -8.04
CA ALA A 135 -12.59 -4.22 -9.35
C ALA A 135 -14.09 -4.21 -9.57
N GLU A 136 -14.86 -4.68 -8.59
CA GLU A 136 -16.31 -4.61 -8.68
C GLU A 136 -16.80 -3.16 -8.70
N ALA A 137 -16.19 -2.31 -7.85
CA ALA A 137 -16.62 -0.94 -7.76
C ALA A 137 -16.54 -0.26 -9.14
N ILE A 138 -15.43 -0.39 -9.86
CA ILE A 138 -15.27 0.31 -11.16
C ILE A 138 -16.19 -0.18 -12.26
N THR A 139 -16.95 -1.26 -11.97
CA THR A 139 -17.86 -1.70 -13.00
C THR A 139 -19.03 -0.79 -13.08
N HIS A 140 -19.17 0.11 -12.13
CA HIS A 140 -20.30 1.01 -11.98
C HIS A 140 -20.04 2.34 -12.66
N LEU A 141 -18.83 2.51 -13.18
CA LEU A 141 -18.50 3.74 -13.86
C LEU A 141 -18.67 3.62 -15.38
N PHE A 142 -19.14 4.67 -16.02
CA PHE A 142 -19.15 4.80 -17.49
C PHE A 142 -19.87 3.64 -18.16
N THR A 143 -21.00 3.27 -17.58
CA THR A 143 -21.62 1.97 -17.95
C THR A 143 -22.25 1.96 -19.35
N ASP A 144 -22.45 3.12 -19.95
CA ASP A 144 -23.05 3.14 -21.30
C ASP A 144 -22.00 3.11 -22.42
N VAL A 145 -20.71 3.00 -22.05
CA VAL A 145 -19.61 3.02 -22.99
C VAL A 145 -19.52 1.66 -23.70
N GLN A 146 -19.13 1.63 -24.97
CA GLN A 146 -18.99 0.35 -25.70
C GLN A 146 -17.69 -0.42 -25.61
N ASN A 147 -16.62 0.20 -25.14
CA ASN A 147 -15.38 -0.53 -25.02
C ASN A 147 -14.80 -0.18 -23.70
N ARG A 148 -14.56 -1.18 -22.91
CA ARG A 148 -13.95 -1.02 -21.52
C ARG A 148 -12.63 -1.73 -21.47
N TYR A 149 -11.64 -1.08 -20.92
CA TYR A 149 -10.38 -1.73 -20.76
C TYR A 149 -9.81 -1.43 -19.40
N THR A 150 -9.20 -2.44 -18.81
CA THR A 150 -8.42 -2.34 -17.59
C THR A 150 -6.97 -2.50 -17.97
N PHE A 151 -6.16 -1.50 -17.71
CA PHE A 151 -4.71 -1.58 -18.00
C PHE A 151 -4.04 -2.65 -17.11
N ALA A 152 -2.89 -3.13 -17.50
CA ALA A 152 -2.13 -4.09 -16.69
C ALA A 152 -1.49 -3.44 -15.48
N PHE A 153 -1.38 -2.10 -15.52
CA PHE A 153 -0.60 -1.35 -14.56
C PHE A 153 -1.59 -0.57 -13.75
N GLY A 154 -1.23 -0.40 -12.49
CA GLY A 154 -1.92 0.52 -11.53
C GLY A 154 -1.59 1.97 -11.84
N GLY A 155 -2.18 2.86 -11.05
CA GLY A 155 -2.03 4.30 -11.33
C GLY A 155 -1.10 4.95 -10.31
N ASN A 156 -0.30 4.15 -9.58
CA ASN A 156 0.68 4.71 -8.65
C ASN A 156 1.80 5.34 -9.40
N TYR A 157 2.38 6.41 -8.85
CA TYR A 157 3.45 7.11 -9.50
C TYR A 157 4.67 6.31 -9.93
N ASP A 158 5.11 5.34 -9.14
CA ASP A 158 6.35 4.62 -9.52
C ASP A 158 6.16 3.91 -10.85
N ARG A 159 4.98 3.30 -11.01
CA ARG A 159 4.61 2.59 -12.24
C ARG A 159 4.43 3.56 -13.47
N LEU A 160 3.73 4.68 -13.26
CA LEU A 160 3.53 5.67 -14.31
C LEU A 160 4.82 6.31 -14.78
N GLU A 161 5.72 6.64 -13.83
CA GLU A 161 7.00 7.22 -14.14
C GLU A 161 7.91 6.27 -14.96
N GLN A 162 7.79 5.00 -14.66
CA GLN A 162 8.56 3.96 -15.45
C GLN A 162 7.97 3.97 -16.90
N LEU A 163 6.63 3.82 -17.02
CA LEU A 163 5.99 3.81 -18.33
C LEU A 163 6.32 5.10 -19.11
N ALA A 164 6.28 6.27 -18.46
CA ALA A 164 6.49 7.53 -19.12
C ALA A 164 7.95 7.78 -19.55
N GLY A 165 8.81 7.04 -18.87
CA GLY A 165 10.28 7.33 -18.95
C GLY A 165 10.75 8.70 -18.41
N ASN A 166 9.99 9.27 -17.46
CA ASN A 166 10.33 10.53 -16.86
C ASN A 166 9.74 10.42 -15.42
N LEU A 167 10.50 10.92 -14.49
CA LEU A 167 10.01 11.17 -13.12
C LEU A 167 9.20 12.44 -13.04
N ARG A 168 8.41 12.57 -11.97
CA ARG A 168 7.66 13.79 -11.71
C ARG A 168 8.54 15.04 -11.75
N GLU A 169 9.77 14.93 -11.25
CA GLU A 169 10.59 16.16 -11.24
C GLU A 169 11.01 16.61 -12.65
N ASN A 170 10.75 15.79 -13.66
CA ASN A 170 11.07 16.16 -15.03
C ASN A 170 9.86 16.29 -15.95
N ILE A 171 8.65 16.39 -15.38
CA ILE A 171 7.42 16.58 -16.18
C ILE A 171 6.83 17.92 -15.78
N GLU A 172 6.79 18.83 -16.76
CA GLU A 172 6.23 20.19 -16.53
C GLU A 172 4.72 20.10 -16.29
N LEU A 173 4.29 20.90 -15.36
CA LEU A 173 2.85 21.14 -15.02
C LEU A 173 2.46 22.56 -15.37
N GLY A 174 1.20 22.83 -15.50
CA GLY A 174 0.64 24.11 -15.87
C GLY A 174 -0.49 23.98 -16.91
N ASN A 175 -1.04 25.09 -17.34
CA ASN A 175 -2.16 25.00 -18.25
C ASN A 175 -1.74 24.45 -19.60
N GLY A 176 -0.53 24.69 -20.05
CA GLY A 176 -0.07 24.11 -21.33
C GLY A 176 0.03 22.61 -21.22
N PRO A 177 0.72 22.09 -20.20
CA PRO A 177 0.76 20.63 -19.99
C PRO A 177 -0.58 20.02 -19.86
N LEU A 178 -1.51 20.70 -19.18
CA LEU A 178 -2.85 20.08 -18.98
C LEU A 178 -3.58 20.03 -20.32
N GLU A 179 -3.47 21.09 -21.10
CA GLU A 179 -4.08 21.07 -22.43
C GLU A 179 -3.54 19.91 -23.22
N GLU A 180 -2.22 19.71 -23.21
CA GLU A 180 -1.58 18.59 -23.91
C GLU A 180 -2.08 17.27 -23.39
N ALA A 181 -2.19 17.14 -22.07
CA ALA A 181 -2.52 15.89 -21.44
C ALA A 181 -3.97 15.49 -21.79
N ILE A 182 -4.86 16.44 -21.87
CA ILE A 182 -6.26 16.12 -22.22
C ILE A 182 -6.31 15.62 -23.67
N SER A 183 -5.55 16.26 -24.54
CA SER A 183 -5.49 15.69 -25.92
C SER A 183 -4.92 14.32 -25.94
N ALA A 184 -3.85 14.10 -25.19
CA ALA A 184 -3.25 12.76 -25.18
C ALA A 184 -4.18 11.70 -24.71
N LEU A 185 -4.91 11.95 -23.60
CA LEU A 185 -5.82 10.89 -23.13
C LEU A 185 -6.94 10.69 -24.15
N TYR A 186 -7.40 11.77 -24.79
CA TYR A 186 -8.43 11.58 -25.85
C TYR A 186 -7.90 10.76 -26.98
N TYR A 187 -6.71 11.04 -27.43
CA TYR A 187 -6.23 10.32 -28.66
C TYR A 187 -5.73 8.92 -28.32
N TYR A 188 -5.67 8.53 -27.06
CA TYR A 188 -5.41 7.09 -26.79
C TYR A 188 -6.59 6.29 -27.30
N SER A 189 -7.79 6.83 -27.28
CA SER A 189 -9.00 6.09 -27.72
C SER A 189 -9.04 5.92 -29.24
N THR A 190 -8.25 6.73 -29.96
CA THR A 190 -8.24 6.66 -31.42
C THR A 190 -7.03 5.91 -31.97
N GLY A 191 -6.16 5.46 -31.06
CA GLY A 191 -4.84 4.94 -31.49
C GLY A 191 -3.74 5.85 -31.71
N GLY A 192 -3.96 7.14 -31.51
CA GLY A 192 -3.02 8.18 -31.74
C GLY A 192 -1.98 8.45 -30.65
N THR A 193 -2.24 8.04 -29.43
CA THR A 193 -1.34 8.20 -28.29
C THR A 193 -0.64 6.92 -27.90
N GLN A 194 0.66 7.01 -27.74
CA GLN A 194 1.40 5.87 -27.32
C GLN A 194 1.51 5.84 -25.81
N LEU A 195 1.79 4.68 -25.27
CA LEU A 195 1.81 4.47 -23.82
C LEU A 195 2.66 5.46 -23.01
N PRO A 196 3.92 5.74 -23.40
CA PRO A 196 4.67 6.66 -22.56
C PRO A 196 4.05 8.06 -22.47
N THR A 197 3.46 8.53 -23.55
CA THR A 197 2.73 9.83 -23.49
C THR A 197 1.47 9.75 -22.68
N LEU A 198 0.75 8.65 -22.74
CA LEU A 198 -0.44 8.47 -21.93
C LEU A 198 -0.03 8.51 -20.47
N ALA A 199 1.05 7.79 -20.11
CA ALA A 199 1.43 7.78 -18.69
C ALA A 199 1.86 9.14 -18.19
N ARG A 200 2.57 9.90 -19.02
CA ARG A 200 3.00 11.25 -18.67
C ARG A 200 1.74 12.11 -18.45
N SER A 201 0.73 11.89 -19.29
CA SER A 201 -0.49 12.70 -19.25
C SER A 201 -1.27 12.33 -18.02
N PHE A 202 -1.27 11.07 -17.56
CA PHE A 202 -1.91 10.74 -16.29
C PHE A 202 -1.19 11.48 -15.17
N ILE A 203 0.13 11.51 -15.21
CA ILE A 203 0.87 12.09 -14.13
C ILE A 203 0.51 13.57 -14.01
N ILE A 204 0.38 14.27 -15.13
CA ILE A 204 0.00 15.69 -15.18
C ILE A 204 -1.43 15.82 -14.59
N CYS A 205 -2.38 15.05 -15.07
CA CYS A 205 -3.73 15.19 -14.54
C CYS A 205 -3.89 14.86 -13.11
N ILE A 206 -3.29 13.80 -12.62
CA ILE A 206 -3.40 13.44 -11.20
C ILE A 206 -2.83 14.55 -10.31
N GLN A 207 -1.72 15.16 -10.69
CA GLN A 207 -1.13 16.20 -9.84
C GLN A 207 -1.97 17.45 -9.97
N MET A 208 -2.46 17.83 -11.12
CA MET A 208 -3.15 19.11 -11.21
C MET A 208 -4.61 19.04 -10.73
N ILE A 209 -5.10 17.85 -10.48
CA ILE A 209 -6.49 17.68 -10.05
C ILE A 209 -6.55 17.00 -8.71
N SER A 210 -6.11 15.73 -8.60
CA SER A 210 -6.19 15.01 -7.31
C SER A 210 -5.31 15.63 -6.24
N GLU A 211 -4.01 15.83 -6.58
CA GLU A 211 -3.10 16.36 -5.55
C GLU A 211 -3.43 17.82 -5.13
N ALA A 212 -3.83 18.63 -6.12
CA ALA A 212 -4.28 19.96 -5.88
C ALA A 212 -5.54 19.96 -4.98
N ALA A 213 -6.50 19.04 -5.20
CA ALA A 213 -7.61 18.93 -4.23
C ALA A 213 -7.13 18.53 -2.85
N ARG A 214 -6.17 17.61 -2.76
CA ARG A 214 -5.64 17.18 -1.44
C ARG A 214 -4.92 18.27 -0.69
N PHE A 215 -4.21 19.15 -1.39
CA PHE A 215 -3.29 20.09 -0.72
C PHE A 215 -3.48 21.49 -1.20
N GLN A 216 -3.88 22.42 -0.31
CA GLN A 216 -3.88 23.88 -0.76
C GLN A 216 -2.54 24.31 -1.28
N TYR A 217 -1.42 23.74 -0.74
CA TYR A 217 -0.07 24.11 -1.23
C TYR A 217 0.13 23.75 -2.70
N ILE A 218 -0.41 22.59 -3.10
CA ILE A 218 -0.26 22.16 -4.49
C ILE A 218 -1.24 22.90 -5.44
N GLU A 219 -2.44 23.19 -4.97
CA GLU A 219 -3.35 24.08 -5.67
C GLU A 219 -2.65 25.42 -5.85
N GLY A 220 -1.94 25.84 -4.82
CA GLY A 220 -1.16 27.05 -4.98
C GLY A 220 -0.09 27.05 -6.01
N GLU A 221 0.64 25.96 -6.13
CA GLU A 221 1.69 25.80 -7.18
C GLU A 221 1.09 25.91 -8.53
N MET A 222 -0.10 25.33 -8.70
CA MET A 222 -0.74 25.45 -10.02
C MET A 222 -1.29 26.81 -10.30
N ARG A 223 -1.81 27.46 -9.27
CA ARG A 223 -2.37 28.86 -9.45
C ARG A 223 -1.18 29.76 -9.92
N THR A 224 -0.01 29.60 -9.29
CA THR A 224 1.20 30.39 -9.66
C THR A 224 1.63 30.14 -11.12
N ARG A 225 1.58 28.88 -11.57
CA ARG A 225 1.89 28.61 -12.96
C ARG A 225 0.88 29.27 -13.87
N ILE A 226 -0.39 29.20 -13.53
CA ILE A 226 -1.39 29.87 -14.40
C ILE A 226 -1.22 31.39 -14.34
N ARG A 227 -0.95 31.94 -13.15
CA ARG A 227 -0.78 33.42 -13.00
C ARG A 227 0.28 33.94 -13.89
N TYR A 228 1.40 33.25 -13.97
CA TYR A 228 2.56 33.71 -14.71
C TYR A 228 2.65 33.11 -16.09
N ASN A 229 1.61 32.37 -16.51
CA ASN A 229 1.64 31.68 -17.82
C ASN A 229 2.86 30.85 -18.06
N ARG A 230 3.21 30.06 -17.03
CA ARG A 230 4.42 29.30 -17.02
C ARG A 230 4.08 27.85 -16.97
N ARG A 231 4.98 27.05 -17.47
CA ARG A 231 4.96 25.63 -17.24
C ARG A 231 6.28 25.22 -16.65
N SER A 232 6.22 24.40 -15.64
CA SER A 232 7.42 23.91 -14.97
C SER A 232 7.20 22.73 -14.11
N ALA A 233 8.24 21.98 -13.84
CA ALA A 233 8.09 20.76 -13.11
C ALA A 233 7.96 21.03 -11.60
N PRO A 234 7.36 20.05 -10.85
CA PRO A 234 7.25 20.35 -9.41
C PRO A 234 8.56 20.23 -8.74
N ASP A 235 8.75 21.02 -7.67
CA ASP A 235 10.01 20.93 -6.93
C ASP A 235 9.93 19.87 -5.84
N PRO A 236 11.01 19.60 -5.07
CA PRO A 236 10.92 18.51 -4.12
C PRO A 236 9.86 18.68 -3.11
N SER A 237 9.51 19.92 -2.72
CA SER A 237 8.53 20.10 -1.72
C SER A 237 7.21 19.50 -2.12
N VAL A 238 6.89 19.68 -3.41
CA VAL A 238 5.60 19.15 -3.92
C VAL A 238 5.59 17.66 -3.98
N ILE A 239 6.70 17.08 -4.49
CA ILE A 239 6.82 15.68 -4.65
C ILE A 239 6.77 14.95 -3.30
N THR A 240 7.55 15.43 -2.33
CA THR A 240 7.52 14.89 -1.01
C THR A 240 6.14 14.98 -0.27
N LEU A 241 5.39 16.08 -0.45
CA LEU A 241 4.05 16.10 0.07
C LEU A 241 3.19 15.06 -0.56
N GLU A 242 3.17 14.97 -1.90
CA GLU A 242 2.39 13.91 -2.55
C GLU A 242 2.73 12.54 -1.98
N ASN A 243 4.01 12.25 -1.87
CA ASN A 243 4.39 10.97 -1.33
C ASN A 243 3.96 10.72 0.11
N SER A 244 3.67 11.77 0.87
CA SER A 244 3.47 11.64 2.29
C SER A 244 2.01 11.82 2.68
N TRP A 245 1.13 11.97 1.69
CA TRP A 245 -0.26 12.30 2.03
C TRP A 245 -0.89 11.28 2.90
N GLY A 246 -0.72 9.99 2.60
CA GLY A 246 -1.32 8.98 3.45
C GLY A 246 -0.77 9.00 4.88
N ARG A 247 0.51 9.14 4.96
CA ARG A 247 1.21 9.18 6.30
C ARG A 247 0.83 10.42 7.06
N LEU A 248 0.61 11.53 6.39
CA LEU A 248 0.12 12.77 7.03
C LEU A 248 -1.23 12.57 7.57
N SER A 249 -2.09 11.95 6.80
CA SER A 249 -3.45 11.67 7.21
C SER A 249 -3.47 10.85 8.49
N THR A 250 -2.63 9.85 8.54
CA THR A 250 -2.58 9.02 9.71
C THR A 250 -1.95 9.83 10.91
N ALA A 251 -0.86 10.53 10.67
CA ALA A 251 -0.23 11.26 11.80
C ALA A 251 -1.21 12.27 12.38
N ILE A 252 -2.00 12.99 11.57
CA ILE A 252 -2.91 13.95 12.11
C ILE A 252 -4.02 13.31 12.81
N GLN A 253 -4.69 12.33 12.21
CA GLN A 253 -5.80 11.66 12.88
C GLN A 253 -5.45 10.83 14.11
N GLU A 254 -4.23 10.31 14.23
CA GLU A 254 -3.89 9.56 15.45
C GLU A 254 -3.09 10.40 16.38
N SER A 255 -3.04 11.67 16.12
CA SER A 255 -2.30 12.58 17.03
C SER A 255 -2.98 12.74 18.40
N ASN A 256 -2.09 13.22 19.29
CA ASN A 256 -2.52 13.49 20.69
C ASN A 256 -2.92 14.94 20.77
N GLN A 257 -4.17 15.21 20.48
CA GLN A 257 -4.69 16.55 20.37
C GLN A 257 -3.83 17.44 19.58
N GLY A 258 -3.40 16.93 18.40
CA GLY A 258 -2.65 17.72 17.42
C GLY A 258 -1.19 17.50 17.45
N ALA A 259 -0.66 16.88 18.55
CA ALA A 259 0.72 16.68 18.68
C ALA A 259 1.11 15.29 18.14
N PHE A 260 2.11 15.22 17.26
CA PHE A 260 2.39 13.91 16.64
C PHE A 260 3.16 13.01 17.55
N ALA A 261 2.78 11.73 17.52
CA ALA A 261 3.44 10.69 18.28
C ALA A 261 4.90 10.61 17.82
N SER A 262 5.15 10.74 16.51
CA SER A 262 6.51 10.95 16.02
C SER A 262 6.52 11.85 14.82
N PRO A 263 7.70 12.45 14.52
CA PRO A 263 7.77 13.38 13.41
C PRO A 263 7.59 12.74 12.02
N ILE A 264 7.16 13.58 11.10
CA ILE A 264 7.07 13.19 9.71
C ILE A 264 8.03 14.12 8.96
N GLN A 265 8.87 13.52 8.15
CA GLN A 265 9.85 14.25 7.38
C GLN A 265 9.30 14.72 6.05
N LEU A 266 9.53 16.00 5.82
CA LEU A 266 9.19 16.58 4.53
C LEU A 266 10.38 17.22 3.90
N GLN A 267 10.21 17.88 2.79
CA GLN A 267 11.37 18.52 2.11
C GLN A 267 10.99 19.89 1.71
N ARG A 268 11.96 20.83 1.86
CA ARG A 268 11.78 22.19 1.40
C ARG A 268 11.97 22.24 -0.11
N ARG A 269 11.76 23.40 -0.74
CA ARG A 269 11.97 23.51 -2.18
C ARG A 269 13.37 23.20 -2.66
N ASN A 270 14.38 23.37 -1.79
CA ASN A 270 15.75 23.15 -2.22
C ASN A 270 16.18 21.74 -1.91
N GLY A 271 15.26 20.94 -1.38
CA GLY A 271 15.55 19.52 -1.22
C GLY A 271 15.98 19.19 0.20
N SER A 272 16.20 20.20 1.04
CA SER A 272 16.64 19.93 2.43
C SER A 272 15.50 19.33 3.23
N LYS A 273 15.85 18.49 4.19
CA LYS A 273 14.85 17.79 4.92
C LYS A 273 14.52 18.51 6.20
N PHE A 274 13.29 18.34 6.66
CA PHE A 274 12.91 18.92 7.92
C PHE A 274 11.75 18.11 8.50
N SER A 275 11.51 18.29 9.79
CA SER A 275 10.58 17.48 10.53
C SER A 275 9.38 18.31 10.96
N VAL A 276 8.19 17.69 10.86
CA VAL A 276 6.95 18.36 11.40
C VAL A 276 6.46 17.59 12.59
N TYR A 277 6.16 18.27 13.67
CA TYR A 277 5.84 17.64 14.93
C TYR A 277 4.39 17.81 15.37
N ASP A 278 3.61 18.58 14.62
CA ASP A 278 2.24 18.83 15.01
C ASP A 278 1.42 19.37 13.94
N VAL A 279 0.11 19.32 14.15
CA VAL A 279 -0.79 19.63 13.05
C VAL A 279 -0.81 21.11 12.66
N SER A 280 -0.49 22.01 13.58
CA SER A 280 -0.80 23.41 13.30
C SER A 280 -0.14 23.91 12.04
N ILE A 281 1.11 23.53 11.82
CA ILE A 281 1.84 24.07 10.70
C ILE A 281 1.36 23.47 9.36
N LEU A 282 0.58 22.41 9.43
CA LEU A 282 0.06 21.76 8.21
C LEU A 282 -1.33 22.17 7.87
N ILE A 283 -2.08 22.85 8.77
CA ILE A 283 -3.44 23.25 8.45
C ILE A 283 -3.53 24.14 7.16
N PRO A 284 -2.53 25.02 6.86
CA PRO A 284 -2.66 25.76 5.57
C PRO A 284 -2.28 24.97 4.33
N ILE A 285 -1.77 23.75 4.52
CA ILE A 285 -1.02 22.99 3.52
C ILE A 285 -1.91 21.86 2.98
N ILE A 286 -2.59 21.15 3.93
CA ILE A 286 -3.38 19.97 3.58
C ILE A 286 -4.89 20.26 3.65
N ALA A 287 -5.60 19.94 2.57
CA ALA A 287 -7.00 20.27 2.42
C ALA A 287 -7.94 19.13 2.70
N LEU A 288 -7.48 17.91 2.48
CA LEU A 288 -8.27 16.69 2.66
C LEU A 288 -7.41 15.57 3.23
N MET A 289 -8.03 14.66 3.96
CA MET A 289 -7.34 13.49 4.47
C MET A 289 -8.14 12.22 4.18
N VAL A 290 -7.43 11.13 3.95
CA VAL A 290 -8.06 9.88 3.87
C VAL A 290 -8.49 9.47 5.28
N TYR A 291 -9.67 8.88 5.38
CA TYR A 291 -10.26 8.47 6.64
C TYR A 291 -9.45 7.39 7.28
N ARG A 292 -9.09 7.58 8.54
CA ARG A 292 -8.39 6.55 9.27
C ARG A 292 -9.18 5.96 10.43
N CYS A 293 -9.76 6.81 11.24
CA CYS A 293 -10.43 6.35 12.43
C CYS A 293 -11.62 7.25 12.68
N ALA A 294 -12.53 6.75 13.50
CA ALA A 294 -13.73 7.47 13.80
C ALA A 294 -13.34 8.64 14.63
N TYR B 40 16.12 -6.97 21.55
CA TYR B 40 14.92 -7.59 20.90
C TYR B 40 14.82 -9.07 21.23
N PRO B 41 13.61 -9.56 21.48
CA PRO B 41 13.49 -10.97 21.82
C PRO B 41 13.86 -11.86 20.61
N ILE B 42 14.53 -12.98 20.86
CA ILE B 42 14.89 -14.00 19.84
C ILE B 42 14.10 -15.29 20.08
N ILE B 43 13.45 -15.78 19.02
CA ILE B 43 12.72 -17.00 19.04
C ILE B 43 13.42 -17.97 18.08
N ASN B 44 13.70 -19.21 18.50
CA ASN B 44 14.52 -20.10 17.68
C ASN B 44 13.68 -21.27 17.09
N PHE B 45 14.11 -21.73 15.91
CA PHE B 45 13.49 -22.94 15.28
C PHE B 45 14.58 -23.56 14.45
N THR B 46 14.58 -24.90 14.46
CA THR B 46 15.40 -25.60 13.54
C THR B 46 14.64 -26.58 12.67
N THR B 47 15.00 -26.64 11.39
CA THR B 47 14.33 -27.62 10.50
C THR B 47 14.87 -29.03 10.78
N ALA B 48 16.01 -29.11 11.48
CA ALA B 48 16.64 -30.45 11.78
C ALA B 48 15.77 -31.32 12.71
N GLY B 49 15.10 -32.36 12.16
CA GLY B 49 14.34 -33.26 12.95
C GLY B 49 13.03 -32.54 13.33
N ALA B 50 12.63 -31.55 12.54
CA ALA B 50 11.42 -30.77 12.95
C ALA B 50 10.22 -31.68 13.07
N THR B 51 9.32 -31.43 14.04
CA THR B 51 8.13 -32.17 14.11
C THR B 51 6.89 -31.27 14.01
N VAL B 52 5.65 -31.81 13.94
CA VAL B 52 4.47 -31.02 14.05
C VAL B 52 4.49 -30.23 15.40
N GLN B 53 4.90 -30.87 16.51
CA GLN B 53 4.88 -30.18 17.83
C GLN B 53 5.89 -29.02 17.80
N SER B 54 7.08 -29.29 17.25
CA SER B 54 8.15 -28.28 17.40
C SER B 54 7.78 -27.09 16.53
N TYR B 55 7.23 -27.30 15.34
CA TYR B 55 6.76 -26.13 14.57
C TYR B 55 5.59 -25.42 15.19
N THR B 56 4.56 -26.13 15.61
CA THR B 56 3.42 -25.56 16.31
C THR B 56 3.93 -24.63 17.53
N ASN B 57 4.82 -25.19 18.37
CA ASN B 57 5.25 -24.45 19.54
C ASN B 57 6.03 -23.23 19.09
N PHE B 58 6.81 -23.32 18.01
CA PHE B 58 7.56 -22.17 17.44
C PHE B 58 6.55 -21.14 17.03
N ILE B 59 5.56 -21.49 16.20
CA ILE B 59 4.59 -20.44 15.72
C ILE B 59 3.86 -19.77 16.88
N ARG B 60 3.46 -20.60 17.86
CA ARG B 60 2.80 -20.05 19.07
C ARG B 60 3.71 -19.12 19.81
N ALA B 61 5.03 -19.41 19.83
CA ALA B 61 5.98 -18.53 20.55
C ALA B 61 6.07 -17.19 19.79
N VAL B 62 6.14 -17.28 18.47
CA VAL B 62 6.25 -16.07 17.66
C VAL B 62 4.98 -15.20 17.90
N ARG B 63 3.80 -15.78 17.84
CA ARG B 63 2.55 -15.03 18.14
C ARG B 63 2.58 -14.40 19.52
N GLY B 64 3.05 -15.17 20.51
CA GLY B 64 3.06 -14.69 21.90
C GLY B 64 4.01 -13.54 22.08
N ARG B 65 5.02 -13.41 21.26
CA ARG B 65 5.98 -12.33 21.37
C ARG B 65 5.66 -11.15 20.47
N LEU B 66 4.82 -11.40 19.49
CA LEU B 66 4.43 -10.27 18.62
C LEU B 66 3.41 -9.43 19.28
N THR B 67 2.51 -10.04 20.07
CA THR B 67 1.43 -9.25 20.72
C THR B 67 1.42 -9.38 22.23
N THR B 68 0.87 -8.36 22.88
CA THR B 68 0.70 -8.34 24.33
C THR B 68 -0.36 -9.34 24.81
N GLY B 69 -1.31 -9.68 23.92
CA GLY B 69 -2.52 -10.37 24.38
C GLY B 69 -3.54 -9.51 25.16
N ALA B 70 -3.20 -8.24 25.40
CA ALA B 70 -4.14 -7.27 26.04
C ALA B 70 -5.30 -6.99 25.12
N ASP B 71 -4.95 -6.81 23.82
CA ASP B 71 -5.87 -6.18 22.86
C ASP B 71 -6.39 -7.31 21.94
N VAL B 72 -7.61 -7.74 22.24
CA VAL B 72 -8.19 -8.85 21.53
C VAL B 72 -9.57 -8.39 21.14
N ARG B 73 -9.93 -8.65 19.89
CA ARG B 73 -11.24 -8.28 19.35
C ARG B 73 -11.86 -9.45 18.61
N HIS B 74 -13.08 -9.84 18.98
CA HIS B 74 -13.64 -11.04 18.41
C HIS B 74 -12.77 -12.24 18.65
N GLU B 75 -12.10 -12.28 19.81
CA GLU B 75 -11.26 -13.45 20.13
C GLU B 75 -10.00 -13.43 19.27
N ILE B 76 -9.80 -12.33 18.53
CA ILE B 76 -8.64 -12.24 17.60
C ILE B 76 -7.66 -11.18 18.13
N PRO B 77 -6.46 -11.64 18.53
CA PRO B 77 -5.45 -10.64 18.98
C PRO B 77 -5.02 -9.64 17.90
N VAL B 78 -4.82 -8.41 18.38
CA VAL B 78 -4.39 -7.31 17.52
C VAL B 78 -2.90 -6.97 17.84
N LEU B 79 -2.12 -6.74 16.78
CA LEU B 79 -0.73 -6.36 16.92
C LEU B 79 -0.62 -4.94 17.47
N PRO B 80 0.54 -4.57 17.99
CA PRO B 80 0.82 -3.17 18.42
C PRO B 80 0.59 -2.10 17.39
N ASN B 81 0.07 -0.91 17.82
CA ASN B 81 -0.12 0.18 16.87
C ASN B 81 1.23 0.79 16.45
N ARG B 82 1.52 0.93 15.15
CA ARG B 82 2.76 1.55 14.67
C ARG B 82 2.91 2.96 15.27
N VAL B 83 1.77 3.69 15.34
CA VAL B 83 1.85 5.10 15.79
C VAL B 83 2.25 5.25 17.28
N GLY B 84 3.41 5.84 17.49
CA GLY B 84 3.88 6.02 18.84
C GLY B 84 4.60 4.79 19.44
N LEU B 85 4.76 3.70 18.66
CA LEU B 85 5.42 2.51 19.16
C LEU B 85 6.93 2.78 19.36
N PRO B 86 7.43 2.56 20.59
CA PRO B 86 8.85 2.81 20.86
C PRO B 86 9.71 1.85 20.06
N ILE B 87 10.82 2.39 19.59
CA ILE B 87 11.70 1.62 18.72
C ILE B 87 12.21 0.30 19.38
N ASN B 88 12.30 0.27 20.70
CA ASN B 88 12.81 -0.90 21.36
C ASN B 88 11.75 -1.99 21.50
N GLN B 89 10.50 -1.68 21.13
CA GLN B 89 9.39 -2.65 21.07
C GLN B 89 9.02 -2.97 19.62
N ARG B 90 9.81 -2.54 18.62
CA ARG B 90 9.32 -2.55 17.23
C ARG B 90 9.51 -3.90 16.53
N PHE B 91 10.54 -4.62 16.97
CA PHE B 91 10.99 -5.85 16.22
C PHE B 91 11.13 -7.07 17.15
N ILE B 92 10.91 -8.25 16.55
CA ILE B 92 11.31 -9.52 17.13
C ILE B 92 12.24 -10.20 16.14
N LEU B 93 13.09 -11.06 16.68
CA LEU B 93 14.00 -11.78 15.79
C LEU B 93 13.72 -13.29 15.87
N VAL B 94 13.84 -13.93 14.72
CA VAL B 94 13.59 -15.35 14.58
C VAL B 94 14.93 -15.99 14.07
N GLU B 95 15.58 -16.82 14.92
CA GLU B 95 16.81 -17.48 14.56
C GLU B 95 16.49 -18.84 14.02
N LEU B 96 16.74 -19.01 12.73
CA LEU B 96 16.49 -20.30 12.07
C LEU B 96 17.77 -21.06 11.82
N SER B 97 17.72 -22.35 12.12
CA SER B 97 18.89 -23.24 11.87
C SER B 97 18.40 -24.44 11.08
N ASN B 98 19.33 -25.17 10.43
CA ASN B 98 18.92 -26.29 9.66
C ASN B 98 19.85 -27.47 9.83
N HIS B 99 19.51 -28.56 9.13
CA HIS B 99 20.36 -29.76 9.23
C HIS B 99 21.82 -29.52 8.75
N ALA B 100 22.00 -28.60 7.79
CA ALA B 100 23.32 -28.23 7.26
C ALA B 100 24.14 -27.45 8.34
N GLU B 101 23.55 -27.25 9.52
CA GLU B 101 24.16 -26.50 10.64
C GLU B 101 24.48 -25.00 10.32
N LEU B 102 23.64 -24.38 9.48
CA LEU B 102 23.77 -22.98 9.13
C LEU B 102 22.61 -22.29 9.87
N SER B 103 22.81 -21.05 10.25
CA SER B 103 21.77 -20.31 10.92
C SER B 103 21.66 -18.94 10.29
N VAL B 104 20.43 -18.44 10.18
CA VAL B 104 20.18 -17.02 9.84
C VAL B 104 19.18 -16.41 10.81
N THR B 105 19.18 -15.09 11.03
CA THR B 105 18.19 -14.55 11.95
C THR B 105 17.33 -13.55 11.21
N LEU B 106 16.04 -13.82 11.12
CA LEU B 106 15.11 -12.88 10.47
C LEU B 106 14.67 -11.87 11.47
N ALA B 107 14.40 -10.67 10.96
CA ALA B 107 13.80 -9.61 11.78
C ALA B 107 12.36 -9.34 11.32
N LEU B 108 11.42 -9.48 12.26
CA LEU B 108 10.02 -9.21 11.91
C LEU B 108 9.57 -7.91 12.56
N ASP B 109 8.77 -7.12 11.85
CA ASP B 109 8.14 -5.87 12.40
C ASP B 109 6.92 -6.36 13.19
N VAL B 110 6.87 -5.97 14.48
CA VAL B 110 5.73 -6.39 15.33
C VAL B 110 4.43 -5.76 14.84
N THR B 111 4.49 -4.73 14.00
CA THR B 111 3.21 -4.09 13.66
C THR B 111 2.48 -4.86 12.55
N ASN B 112 3.21 -5.67 11.78
CA ASN B 112 2.51 -6.43 10.72
C ASN B 112 2.97 -7.88 10.65
N ALA B 113 3.83 -8.32 11.58
CA ALA B 113 4.42 -9.67 11.61
C ALA B 113 5.32 -10.01 10.43
N TYR B 114 5.65 -9.04 9.58
CA TYR B 114 6.33 -9.32 8.26
C TYR B 114 7.87 -9.17 8.40
N VAL B 115 8.58 -9.92 7.56
CA VAL B 115 10.03 -9.88 7.57
C VAL B 115 10.50 -8.54 6.96
N VAL B 116 11.42 -7.87 7.65
CA VAL B 116 12.06 -6.63 7.10
C VAL B 116 13.53 -6.86 6.73
N GLY B 117 14.12 -7.91 7.19
CA GLY B 117 15.55 -8.15 6.84
C GLY B 117 16.05 -9.36 7.55
N TYR B 118 17.38 -9.64 7.41
CA TYR B 118 17.91 -10.73 8.15
C TYR B 118 19.41 -10.57 8.32
N ARG B 119 19.93 -11.38 9.21
CA ARG B 119 21.43 -11.40 9.50
C ARG B 119 21.90 -12.79 9.15
N ALA B 120 23.08 -12.88 8.50
CA ALA B 120 23.80 -14.18 8.30
C ALA B 120 25.26 -13.86 8.66
N GLY B 121 25.67 -14.43 9.81
CA GLY B 121 27.01 -14.17 10.43
C GLY B 121 27.24 -12.68 10.61
N ASN B 122 28.23 -12.11 9.89
CA ASN B 122 28.65 -10.71 10.13
C ASN B 122 28.08 -9.83 9.03
N SER B 123 26.97 -10.25 8.42
CA SER B 123 26.33 -9.44 7.43
C SER B 123 24.82 -9.32 7.67
N ALA B 124 24.26 -8.13 7.48
CA ALA B 124 22.78 -7.99 7.61
C ALA B 124 22.25 -7.39 6.35
N TYR B 125 20.99 -7.77 6.04
CA TYR B 125 20.34 -7.46 4.78
C TYR B 125 18.91 -6.96 5.02
N PHE B 126 18.49 -5.88 4.33
CA PHE B 126 17.18 -5.27 4.59
C PHE B 126 16.48 -5.04 3.28
N PHE B 127 15.18 -5.35 3.23
CA PHE B 127 14.35 -4.87 2.12
C PHE B 127 14.30 -3.38 2.00
N HIS B 128 14.17 -2.89 0.75
CA HIS B 128 14.07 -1.42 0.56
C HIS B 128 12.86 -0.84 1.31
N PRO B 129 13.12 0.02 2.29
CA PRO B 129 11.99 0.57 3.08
C PRO B 129 11.08 1.49 2.23
N ASP B 130 9.78 1.42 2.51
CA ASP B 130 8.74 2.21 1.88
C ASP B 130 8.74 3.71 2.17
N ASN B 131 9.43 4.14 3.23
CA ASN B 131 9.49 5.55 3.63
C ASN B 131 10.62 5.74 4.64
N GLN B 132 10.87 7.00 4.96
CA GLN B 132 11.99 7.43 5.73
C GLN B 132 11.91 6.89 7.17
N GLU B 133 10.68 6.86 7.73
CA GLU B 133 10.57 6.47 9.15
C GLU B 133 10.93 4.95 9.26
N ASP B 134 10.49 4.14 8.32
CA ASP B 134 10.91 2.70 8.30
C ASP B 134 12.42 2.55 8.04
N ALA B 135 12.99 3.36 7.13
CA ALA B 135 14.47 3.42 7.05
C ALA B 135 15.18 3.73 8.29
N GLU B 136 14.66 4.66 9.08
CA GLU B 136 15.28 4.97 10.31
C GLU B 136 15.10 3.76 11.26
N ALA B 137 13.91 3.11 11.20
CA ALA B 137 13.73 2.09 12.24
C ALA B 137 14.73 0.97 12.11
N ILE B 138 14.98 0.55 10.87
CA ILE B 138 15.85 -0.62 10.60
C ILE B 138 17.30 -0.38 10.99
N THR B 139 17.65 0.91 11.19
CA THR B 139 19.00 1.18 11.66
C THR B 139 19.24 0.64 13.05
N HIS B 140 18.18 0.25 13.77
CA HIS B 140 18.27 -0.25 15.13
C HIS B 140 18.41 -1.76 15.22
N LEU B 141 18.35 -2.43 14.05
CA LEU B 141 18.49 -3.87 13.94
C LEU B 141 19.95 -4.28 13.70
N PHE B 142 20.38 -5.34 14.38
CA PHE B 142 21.69 -5.99 14.13
C PHE B 142 22.84 -4.91 14.15
N THR B 143 22.82 -4.05 15.15
CA THR B 143 23.68 -2.81 15.11
C THR B 143 25.18 -3.09 15.26
N ASP B 144 25.51 -4.26 15.75
CA ASP B 144 26.91 -4.75 15.93
C ASP B 144 27.44 -5.48 14.70
N VAL B 145 26.59 -5.70 13.71
CA VAL B 145 27.03 -6.44 12.53
C VAL B 145 28.06 -5.63 11.72
N GLN B 146 29.03 -6.34 11.13
CA GLN B 146 30.13 -5.65 10.46
C GLN B 146 29.71 -4.96 9.18
N ASN B 147 28.77 -5.59 8.46
CA ASN B 147 28.37 -5.17 7.12
C ASN B 147 26.83 -5.10 7.01
N ARG B 148 26.36 -4.02 6.38
CA ARG B 148 24.86 -3.78 6.23
C ARG B 148 24.61 -3.44 4.82
N TYR B 149 23.51 -3.97 4.30
CA TYR B 149 23.12 -3.73 2.99
C TYR B 149 21.62 -3.66 2.87
N THR B 150 21.11 -2.67 2.14
CA THR B 150 19.69 -2.50 1.79
C THR B 150 19.51 -2.84 0.31
N PHE B 151 18.63 -3.79 0.04
CA PHE B 151 18.37 -4.22 -1.33
C PHE B 151 17.64 -3.13 -2.04
N ALA B 152 17.82 -3.14 -3.36
CA ALA B 152 17.11 -2.20 -4.19
C ALA B 152 15.59 -2.41 -4.25
N PHE B 153 15.12 -3.60 -3.80
CA PHE B 153 13.78 -4.09 -4.02
C PHE B 153 13.17 -4.23 -2.62
N GLY B 154 11.84 -4.02 -2.54
CA GLY B 154 11.03 -4.22 -1.35
C GLY B 154 10.73 -5.69 -1.22
N GLY B 155 10.06 -6.05 -0.16
CA GLY B 155 9.82 -7.46 0.11
C GLY B 155 8.35 -7.84 -0.06
N ASN B 156 7.60 -7.00 -0.83
CA ASN B 156 6.22 -7.36 -1.20
C ASN B 156 6.27 -8.52 -2.17
N TYR B 157 5.28 -9.42 -2.11
CA TYR B 157 5.26 -10.58 -2.98
C TYR B 157 5.41 -10.32 -4.51
N ASP B 158 4.74 -9.30 -5.03
CA ASP B 158 4.82 -9.04 -6.48
C ASP B 158 6.25 -8.90 -6.95
N ARG B 159 7.05 -8.12 -6.21
CA ARG B 159 8.44 -7.91 -6.56
C ARG B 159 9.28 -9.21 -6.39
N LEU B 160 9.08 -9.93 -5.27
CA LEU B 160 9.87 -11.09 -4.99
C LEU B 160 9.59 -12.19 -6.01
N GLU B 161 8.32 -12.27 -6.45
CA GLU B 161 7.94 -13.28 -7.39
C GLU B 161 8.59 -12.95 -8.76
N GLN B 162 8.69 -11.64 -9.08
CA GLN B 162 9.37 -11.26 -10.37
C GLN B 162 10.81 -11.70 -10.29
N LEU B 163 11.47 -11.39 -9.18
CA LEU B 163 12.88 -11.72 -9.04
C LEU B 163 13.10 -13.22 -9.01
N ALA B 164 12.20 -14.00 -8.35
CA ALA B 164 12.37 -15.42 -8.23
C ALA B 164 12.06 -16.12 -9.55
N GLY B 165 11.43 -15.35 -10.42
CA GLY B 165 10.83 -15.96 -11.63
C GLY B 165 9.71 -16.98 -11.48
N ASN B 166 8.98 -16.90 -10.38
CA ASN B 166 7.94 -17.86 -10.07
C ASN B 166 6.91 -17.19 -9.15
N LEU B 167 5.61 -17.40 -9.40
CA LEU B 167 4.56 -17.00 -8.45
C LEU B 167 4.51 -17.95 -7.21
N ARG B 168 4.00 -17.36 -6.09
CA ARG B 168 3.72 -18.22 -4.93
C ARG B 168 3.09 -19.55 -5.32
N GLU B 169 2.16 -19.48 -6.27
CA GLU B 169 1.55 -20.75 -6.69
C GLU B 169 2.42 -21.85 -7.23
N ASN B 170 3.66 -21.47 -7.58
CA ASN B 170 4.61 -22.43 -8.11
C ASN B 170 5.87 -22.56 -7.30
N ILE B 171 5.83 -22.18 -6.01
CA ILE B 171 6.99 -22.36 -5.14
C ILE B 171 6.58 -23.31 -3.98
N GLU B 172 7.22 -24.46 -3.93
CA GLU B 172 6.86 -25.44 -2.88
C GLU B 172 7.26 -24.94 -1.47
N LEU B 173 6.34 -25.24 -0.54
CA LEU B 173 6.57 -25.02 0.93
C LEU B 173 6.62 -26.34 1.66
N GLY B 174 7.23 -26.37 2.85
CA GLY B 174 7.49 -27.49 3.66
C GLY B 174 8.79 -27.44 4.36
N ASN B 175 9.08 -28.46 5.15
CA ASN B 175 10.29 -28.42 5.89
C ASN B 175 11.52 -28.46 4.97
N GLY B 176 11.45 -29.17 3.86
CA GLY B 176 12.55 -29.26 2.86
C GLY B 176 12.81 -27.92 2.23
N PRO B 177 11.78 -27.26 1.69
CA PRO B 177 11.95 -25.90 1.20
C PRO B 177 12.52 -24.96 2.26
N LEU B 178 12.07 -25.08 3.53
CA LEU B 178 12.58 -24.15 4.51
C LEU B 178 14.07 -24.51 4.83
N GLU B 179 14.42 -25.80 4.89
CA GLU B 179 15.84 -26.10 5.06
C GLU B 179 16.67 -25.45 3.97
N GLU B 180 16.19 -25.56 2.74
CA GLU B 180 16.89 -25.05 1.53
C GLU B 180 16.99 -23.56 1.60
N ALA B 181 15.92 -22.91 2.11
CA ALA B 181 15.83 -21.46 2.12
C ALA B 181 16.83 -20.89 3.11
N ILE B 182 16.96 -21.57 4.24
CA ILE B 182 17.94 -21.13 5.31
C ILE B 182 19.36 -21.15 4.72
N SER B 183 19.70 -22.26 4.07
CA SER B 183 21.02 -22.31 3.42
C SER B 183 21.17 -21.21 2.36
N ALA B 184 20.14 -21.00 1.55
CA ALA B 184 20.22 -19.96 0.49
C ALA B 184 20.45 -18.61 1.09
N LEU B 185 19.70 -18.23 2.14
CA LEU B 185 19.88 -16.92 2.75
C LEU B 185 21.28 -16.87 3.33
N TYR B 186 21.75 -17.93 3.97
CA TYR B 186 23.12 -17.87 4.55
C TYR B 186 24.19 -17.62 3.47
N TYR B 187 24.06 -18.25 2.35
CA TYR B 187 25.21 -18.17 1.38
C TYR B 187 25.08 -16.97 0.47
N TYR B 188 24.05 -16.14 0.60
CA TYR B 188 24.09 -14.84 -0.07
C TYR B 188 25.28 -14.04 0.40
N SER B 189 25.63 -14.15 1.67
CA SER B 189 26.67 -13.34 2.18
C SER B 189 28.03 -13.71 1.60
N THR B 190 28.19 -14.94 1.09
CA THR B 190 29.48 -15.42 0.59
C THR B 190 29.56 -15.30 -0.90
N GLY B 191 28.45 -14.93 -1.51
CA GLY B 191 28.35 -14.98 -3.01
C GLY B 191 27.82 -16.28 -3.60
N GLY B 192 27.53 -17.30 -2.78
CA GLY B 192 27.06 -18.59 -3.24
C GLY B 192 25.63 -18.68 -3.70
N THR B 193 24.82 -17.70 -3.33
CA THR B 193 23.38 -17.70 -3.67
C THR B 193 23.10 -16.55 -4.62
N GLN B 194 22.48 -16.91 -5.74
CA GLN B 194 22.09 -15.95 -6.80
C GLN B 194 20.78 -15.30 -6.47
N LEU B 195 20.54 -14.11 -6.98
CA LEU B 195 19.26 -13.41 -6.62
C LEU B 195 17.92 -14.20 -6.79
N PRO B 196 17.66 -14.90 -7.89
CA PRO B 196 16.39 -15.63 -7.96
C PRO B 196 16.21 -16.63 -6.85
N THR B 197 17.26 -17.35 -6.43
CA THR B 197 17.12 -18.25 -5.34
C THR B 197 16.93 -17.51 -4.02
N LEU B 198 17.57 -16.37 -3.83
CA LEU B 198 17.40 -15.56 -2.64
C LEU B 198 15.94 -15.12 -2.54
N ALA B 199 15.38 -14.64 -3.65
CA ALA B 199 13.99 -14.15 -3.65
C ALA B 199 13.01 -15.27 -3.38
N ARG B 200 13.24 -16.44 -3.95
CA ARG B 200 12.40 -17.62 -3.72
C ARG B 200 12.46 -17.96 -2.22
N SER B 201 13.64 -17.82 -1.63
CA SER B 201 13.91 -18.21 -0.25
C SER B 201 13.19 -17.30 0.68
N PHE B 202 13.15 -16.03 0.36
CA PHE B 202 12.38 -15.06 1.14
C PHE B 202 10.92 -15.40 1.06
N ILE B 203 10.44 -15.82 -0.10
CA ILE B 203 9.02 -16.13 -0.25
C ILE B 203 8.65 -17.31 0.61
N ILE B 204 9.52 -18.31 0.70
CA ILE B 204 9.31 -19.54 1.53
C ILE B 204 9.32 -19.14 2.98
N CYS B 205 10.31 -18.34 3.41
CA CYS B 205 10.35 -17.89 4.82
C CYS B 205 9.22 -17.03 5.29
N ILE B 206 8.80 -16.08 4.45
CA ILE B 206 7.76 -15.16 4.80
C ILE B 206 6.48 -16.00 4.95
N GLN B 207 6.19 -16.96 4.08
CA GLN B 207 4.93 -17.70 4.25
C GLN B 207 4.98 -18.68 5.40
N MET B 208 6.12 -19.30 5.65
CA MET B 208 6.14 -20.30 6.70
C MET B 208 6.30 -19.72 8.07
N ILE B 209 6.66 -18.46 8.14
CA ILE B 209 6.85 -17.81 9.43
C ILE B 209 5.82 -16.69 9.64
N SER B 210 5.85 -15.62 8.83
CA SER B 210 5.02 -14.47 9.03
C SER B 210 3.54 -14.87 8.74
N GLU B 211 3.29 -15.55 7.58
CA GLU B 211 1.88 -15.80 7.30
C GLU B 211 1.28 -16.87 8.24
N ALA B 212 2.11 -17.84 8.59
CA ALA B 212 1.67 -18.84 9.54
C ALA B 212 1.38 -18.22 10.91
N ALA B 213 2.19 -17.27 11.37
CA ALA B 213 1.81 -16.49 12.59
C ALA B 213 0.51 -15.76 12.40
N ARG B 214 0.28 -15.18 11.22
CA ARG B 214 -0.90 -14.39 11.01
C ARG B 214 -2.14 -15.31 11.00
N PHE B 215 -2.09 -16.54 10.50
CA PHE B 215 -3.31 -17.34 10.21
C PHE B 215 -3.13 -18.72 10.75
N GLN B 216 -3.99 -19.13 11.72
CA GLN B 216 -3.96 -20.59 12.13
C GLN B 216 -4.19 -21.46 10.95
N TYR B 217 -4.95 -21.00 9.93
CA TYR B 217 -5.14 -21.82 8.68
C TYR B 217 -3.80 -22.10 8.00
N ILE B 218 -2.93 -21.07 7.90
CA ILE B 218 -1.68 -21.24 7.23
C ILE B 218 -0.69 -22.05 8.09
N GLU B 219 -0.67 -21.86 9.43
CA GLU B 219 0.09 -22.73 10.33
C GLU B 219 -0.35 -24.20 10.10
N GLY B 220 -1.66 -24.36 9.92
CA GLY B 220 -2.23 -25.66 9.64
C GLY B 220 -1.69 -26.29 8.38
N GLU B 221 -1.57 -25.51 7.29
CA GLU B 221 -1.06 -25.98 6.01
C GLU B 221 0.35 -26.47 6.21
N MET B 222 1.14 -25.76 7.06
CA MET B 222 2.50 -26.17 7.28
C MET B 222 2.64 -27.39 8.15
N ARG B 223 1.76 -27.49 9.10
CA ARG B 223 1.71 -28.68 10.00
C ARG B 223 1.44 -29.90 9.11
N THR B 224 0.56 -29.76 8.11
CA THR B 224 0.15 -30.91 7.32
C THR B 224 1.34 -31.33 6.44
N ARG B 225 2.04 -30.36 5.92
CA ARG B 225 3.24 -30.67 5.13
C ARG B 225 4.30 -31.40 5.92
N ILE B 226 4.46 -31.03 7.22
CA ILE B 226 5.40 -31.71 8.04
C ILE B 226 4.92 -33.12 8.35
N ARG B 227 3.61 -33.21 8.58
CA ARG B 227 3.04 -34.49 9.03
C ARG B 227 3.21 -35.58 7.99
N TYR B 228 2.98 -35.25 6.72
CA TYR B 228 3.11 -36.17 5.53
C TYR B 228 4.45 -36.06 4.81
N ASN B 229 5.42 -35.35 5.43
CA ASN B 229 6.76 -35.18 4.92
C ASN B 229 6.67 -34.80 3.45
N ARG B 230 5.83 -33.80 3.14
CA ARG B 230 5.55 -33.39 1.78
C ARG B 230 5.94 -31.94 1.56
N ARG B 231 6.41 -31.61 0.38
CA ARG B 231 6.51 -30.24 -0.08
C ARG B 231 5.46 -30.02 -1.15
N SER B 232 4.88 -28.85 -1.15
CA SER B 232 3.91 -28.50 -2.16
C SER B 232 3.59 -27.05 -2.11
N ALA B 233 3.21 -26.50 -3.25
CA ALA B 233 2.96 -25.10 -3.32
C ALA B 233 1.60 -24.75 -2.67
N PRO B 234 1.44 -23.51 -2.20
CA PRO B 234 0.16 -23.14 -1.59
C PRO B 234 -0.97 -23.08 -2.60
N ASP B 235 -2.14 -23.56 -2.17
CA ASP B 235 -3.33 -23.51 -3.00
C ASP B 235 -3.99 -22.13 -2.97
N PRO B 236 -5.00 -21.84 -3.85
CA PRO B 236 -5.62 -20.53 -3.95
C PRO B 236 -6.20 -20.01 -2.66
N SER B 237 -6.66 -20.89 -1.75
CA SER B 237 -7.19 -20.43 -0.50
C SER B 237 -6.10 -19.73 0.33
N VAL B 238 -4.90 -20.31 0.30
CA VAL B 238 -3.78 -19.72 1.10
C VAL B 238 -3.33 -18.43 0.50
N ILE B 239 -3.17 -18.44 -0.83
CA ILE B 239 -2.71 -17.26 -1.54
C ILE B 239 -3.71 -16.08 -1.32
N THR B 240 -5.03 -16.35 -1.50
CA THR B 240 -6.01 -15.33 -1.25
C THR B 240 -6.10 -14.78 0.18
N LEU B 241 -5.96 -15.68 1.17
CA LEU B 241 -5.79 -15.22 2.50
C LEU B 241 -4.65 -14.30 2.71
N GLU B 242 -3.46 -14.70 2.25
CA GLU B 242 -2.28 -13.81 2.35
C GLU B 242 -2.62 -12.42 1.74
N ASN B 243 -3.18 -12.44 0.55
CA ASN B 243 -3.39 -11.19 -0.14
C ASN B 243 -4.49 -10.37 0.58
N SER B 244 -5.32 -11.02 1.46
CA SER B 244 -6.42 -10.29 2.06
C SER B 244 -6.21 -9.96 3.50
N TRP B 245 -5.02 -10.24 4.03
CA TRP B 245 -4.91 -10.05 5.49
C TRP B 245 -5.19 -8.67 5.97
N GLY B 246 -4.61 -7.65 5.29
CA GLY B 246 -4.82 -6.21 5.59
C GLY B 246 -6.31 -5.86 5.55
N ARG B 247 -6.94 -6.30 4.48
CA ARG B 247 -8.37 -5.99 4.29
C ARG B 247 -9.22 -6.72 5.31
N LEU B 248 -8.86 -7.95 5.66
CA LEU B 248 -9.61 -8.64 6.71
C LEU B 248 -9.46 -7.93 8.03
N SER B 249 -8.27 -7.53 8.38
CA SER B 249 -8.05 -6.82 9.57
C SER B 249 -8.97 -5.59 9.71
N THR B 250 -9.05 -4.80 8.64
CA THR B 250 -9.96 -3.64 8.57
C THR B 250 -11.43 -4.08 8.67
N ALA B 251 -11.81 -5.12 7.88
CA ALA B 251 -13.24 -5.55 7.85
C ALA B 251 -13.61 -5.95 9.29
N ILE B 252 -12.73 -6.65 10.02
CA ILE B 252 -13.13 -7.09 11.37
C ILE B 252 -13.16 -5.98 12.37
N GLN B 253 -12.14 -5.09 12.44
CA GLN B 253 -12.13 -3.99 13.33
C GLN B 253 -13.12 -2.88 13.09
N GLU B 254 -13.50 -2.66 11.84
CA GLU B 254 -14.59 -1.66 11.60
C GLU B 254 -15.96 -2.31 11.51
N SER B 255 -16.06 -3.60 11.78
CA SER B 255 -17.37 -4.29 11.70
C SER B 255 -18.38 -3.75 12.70
N ASN B 256 -19.63 -4.06 12.34
CA ASN B 256 -20.77 -3.68 13.22
C ASN B 256 -21.10 -4.81 14.21
N GLN B 257 -20.37 -4.84 15.33
CA GLN B 257 -20.47 -5.92 16.28
C GLN B 257 -20.25 -7.26 15.61
N GLY B 258 -19.26 -7.34 14.69
CA GLY B 258 -18.93 -8.58 14.03
C GLY B 258 -19.46 -8.73 12.64
N ALA B 259 -20.47 -7.91 12.28
CA ALA B 259 -21.08 -7.98 10.99
C ALA B 259 -20.40 -7.00 10.04
N PHE B 260 -19.99 -7.51 8.90
CA PHE B 260 -19.18 -6.69 8.01
C PHE B 260 -20.06 -5.74 7.27
N ALA B 261 -19.56 -4.51 7.12
CA ALA B 261 -20.27 -3.51 6.31
C ALA B 261 -20.37 -3.92 4.83
N SER B 262 -19.34 -4.57 4.30
CA SER B 262 -19.43 -5.14 2.95
C SER B 262 -18.68 -6.47 2.97
N PRO B 263 -19.08 -7.41 2.09
CA PRO B 263 -18.48 -8.72 2.04
C PRO B 263 -17.01 -8.68 1.59
N ILE B 264 -16.21 -9.67 1.96
CA ILE B 264 -14.87 -9.73 1.40
C ILE B 264 -14.83 -11.08 0.75
N GLN B 265 -14.37 -11.06 -0.48
CA GLN B 265 -14.22 -12.26 -1.28
C GLN B 265 -12.96 -12.98 -0.99
N LEU B 266 -13.17 -14.27 -0.76
CA LEU B 266 -12.02 -15.18 -0.61
C LEU B 266 -12.16 -16.28 -1.62
N GLN B 267 -11.17 -17.16 -1.70
CA GLN B 267 -11.16 -18.37 -2.60
C GLN B 267 -11.14 -19.68 -1.88
N ARG B 268 -11.90 -20.66 -2.41
CA ARG B 268 -11.76 -22.02 -1.81
C ARG B 268 -10.53 -22.69 -2.34
N ARG B 269 -10.18 -23.88 -1.88
CA ARG B 269 -9.02 -24.60 -2.42
C ARG B 269 -9.06 -24.87 -3.94
N ASN B 270 -10.25 -25.05 -4.47
CA ASN B 270 -10.35 -25.28 -5.91
C ASN B 270 -10.39 -23.99 -6.72
N GLY B 271 -10.23 -22.85 -6.10
CA GLY B 271 -10.21 -21.59 -6.86
C GLY B 271 -11.58 -20.89 -6.87
N SER B 272 -12.65 -21.60 -6.54
CA SER B 272 -14.02 -20.97 -6.53
C SER B 272 -14.15 -19.80 -5.56
N LYS B 273 -14.91 -18.75 -5.93
CA LYS B 273 -14.96 -17.53 -5.15
C LYS B 273 -16.18 -17.57 -4.20
N PHE B 274 -16.01 -17.08 -2.97
CA PHE B 274 -17.12 -16.96 -2.03
C PHE B 274 -16.91 -15.71 -1.16
N SER B 275 -17.99 -15.32 -0.46
CA SER B 275 -17.98 -14.13 0.34
C SER B 275 -18.10 -14.51 1.79
N VAL B 276 -17.37 -13.77 2.62
CA VAL B 276 -17.54 -13.80 4.10
C VAL B 276 -18.22 -12.50 4.54
N TYR B 277 -19.24 -12.64 5.42
CA TYR B 277 -20.10 -11.55 5.77
C TYR B 277 -19.94 -11.14 7.22
N ASP B 278 -19.26 -11.96 8.01
CA ASP B 278 -19.13 -11.71 9.45
C ASP B 278 -17.91 -12.34 10.04
N VAL B 279 -17.53 -11.90 11.25
CA VAL B 279 -16.26 -12.35 11.83
C VAL B 279 -16.31 -13.82 12.26
N SER B 280 -17.47 -14.34 12.62
CA SER B 280 -17.50 -15.66 13.29
C SER B 280 -16.75 -16.73 12.53
N ILE B 281 -17.04 -16.88 11.22
CA ILE B 281 -16.39 -17.90 10.40
C ILE B 281 -14.85 -17.76 10.32
N LEU B 282 -14.35 -16.55 10.62
CA LEU B 282 -12.92 -16.26 10.46
C LEU B 282 -12.16 -16.47 11.72
N ILE B 283 -12.81 -16.60 12.88
CA ILE B 283 -12.12 -16.70 14.15
C ILE B 283 -11.13 -17.90 14.18
N PRO B 284 -11.47 -19.07 13.58
CA PRO B 284 -10.50 -20.15 13.59
C PRO B 284 -9.35 -19.96 12.62
N ILE B 285 -9.51 -19.03 11.67
CA ILE B 285 -8.65 -18.84 10.54
C ILE B 285 -7.54 -17.81 10.73
N ILE B 286 -7.91 -16.66 11.26
CA ILE B 286 -6.96 -15.58 11.44
C ILE B 286 -6.56 -15.45 12.89
N ALA B 287 -5.23 -15.35 13.13
CA ALA B 287 -4.65 -15.33 14.46
C ALA B 287 -4.22 -14.03 14.96
N LEU B 288 -3.93 -13.08 14.03
CA LEU B 288 -3.30 -11.79 14.41
C LEU B 288 -3.89 -10.80 13.38
N MET B 289 -4.11 -9.55 13.79
CA MET B 289 -4.50 -8.47 12.86
C MET B 289 -3.66 -7.25 13.05
N VAL B 290 -3.40 -6.57 11.97
CA VAL B 290 -2.75 -5.28 12.03
C VAL B 290 -3.72 -4.30 12.67
N TYR B 291 -3.21 -3.47 13.55
CA TYR B 291 -4.00 -2.47 14.24
C TYR B 291 -4.57 -1.46 13.29
N ARG B 292 -5.86 -1.23 13.43
CA ARG B 292 -6.53 -0.19 12.68
C ARG B 292 -7.12 0.93 13.55
N CYS B 293 -7.83 0.59 14.59
CA CYS B 293 -8.49 1.59 15.38
C CYS B 293 -8.44 1.22 16.83
N ALA B 294 -8.80 2.18 17.65
CA ALA B 294 -8.73 2.01 19.08
C ALA B 294 -9.81 1.03 19.51
N GLY C 4 0.89 30.65 4.73
CA GLY C 4 1.36 29.48 5.54
C GLY C 4 2.28 28.56 4.74
N PHE C 5 2.61 28.97 3.52
CA PHE C 5 3.42 28.12 2.64
C PHE C 5 4.91 28.37 2.88
N GLY C 6 5.23 29.33 3.78
CA GLY C 6 6.60 29.62 4.18
C GLY C 6 7.44 28.49 4.68
N LEU C 7 6.84 27.45 5.32
CA LEU C 7 7.68 26.27 5.79
C LEU C 7 8.58 25.62 4.73
N PHE C 8 8.23 25.79 3.45
CA PHE C 8 9.01 25.15 2.36
C PHE C 8 10.08 26.01 1.70
N ASP C 9 10.16 27.27 2.13
CA ASP C 9 11.17 28.20 1.59
C ASP C 9 12.48 28.18 2.33
N GLY D 4 -12.53 -25.72 11.95
CA GLY D 4 -12.96 -24.39 11.39
C GLY D 4 -12.43 -24.16 9.98
N PHE D 5 -11.62 -25.09 9.47
CA PHE D 5 -11.00 -24.89 8.16
C PHE D 5 -11.88 -25.40 7.02
N GLY D 6 -13.05 -25.96 7.35
CA GLY D 6 -13.93 -26.49 6.29
C GLY D 6 -14.52 -25.50 5.34
N LEU D 7 -14.54 -24.23 5.75
CA LEU D 7 -14.85 -23.11 4.89
C LEU D 7 -14.22 -23.16 3.49
N PHE D 8 -13.02 -23.72 3.35
CA PHE D 8 -12.27 -23.69 2.05
C PHE D 8 -12.33 -24.98 1.24
N ASP D 9 -13.07 -26.00 1.75
CA ASP D 9 -13.23 -27.28 1.08
C ASP D 9 -14.41 -27.36 0.09
#